data_1U7G
#
_entry.id   1U7G
#
_cell.length_a   96.541
_cell.length_b   96.541
_cell.length_c   94.622
_cell.angle_alpha   90.00
_cell.angle_beta   90.00
_cell.angle_gamma   120.00
#
_symmetry.space_group_name_H-M   'P 63'
#
loop_
_entity.id
_entity.type
_entity.pdbx_description
1 polymer 'Probable ammonium transporter'
2 non-polymer 'octyl beta-D-glucopyranoside'
3 non-polymer 'AMMONIUM ION'
4 non-polymer AMMONIA
5 water water
#
_entity_poly.entity_id   1
_entity_poly.type   'polypeptide(L)'
_entity_poly.pdbx_seq_one_letter_code
;APAVADKADNAF(MSE)(MSE)ICTALVLF(MSE)TIPGIALFYGGLIRGKNVLS(MSE)LTQVTVTFALVCILWVVYGY
SLASGEGNNFFGNINWL(MSE)LKNIELTAV(MSE)GSIYQYIHVAFQGSFACITVGLIVGALAERIRFPAVLIFVVVWL
TLSYIPIAH(MSE)VWGGGLLASHGALDFAGGTVVHINAAIAGLVGAYLIGKRVGFGKEAFKPHNLP(MSE)VFTGTAIL
YIGWFGFNAGSAGTANEIAALAFVNTVVATAAAILGWIFGEWALRGLPSLLGACSGAIAGLVGVTPACGYIGVGGALIIG
VVAGLAGLWGVT(MSE)LKRLLRVDDPCDVFGVHGVCGIVGCI(MSE)TGIFAASSLGGVGFAEGVT(MSE)GHQLLVQL
ESIAITIVWSGVVAFIGYKLADLTVGLRV
;
_entity_poly.pdbx_strand_id   A
#
# COMPACT_ATOMS: atom_id res chain seq x y z
N ALA A 3 -1.56 21.28 21.98
CA ALA A 3 -2.38 20.26 22.63
C ALA A 3 -1.57 19.37 23.57
N VAL A 4 -2.22 18.37 24.19
CA VAL A 4 -1.47 17.48 25.09
C VAL A 4 -1.65 16.04 24.65
N ALA A 5 -0.60 15.25 24.82
CA ALA A 5 -0.66 13.89 24.32
C ALA A 5 -1.48 13.02 25.25
N ASP A 6 -2.23 12.12 24.63
CA ASP A 6 -2.92 11.09 25.38
C ASP A 6 -2.07 9.83 25.39
N LYS A 7 -1.69 9.40 26.58
CA LYS A 7 -0.77 8.25 26.60
C LYS A 7 -1.40 7.02 26.00
N ALA A 8 -2.70 6.85 26.13
CA ALA A 8 -3.36 5.70 25.49
C ALA A 8 -3.14 5.75 23.98
N ASP A 9 -3.28 6.92 23.38
CA ASP A 9 -3.07 7.05 21.97
C ASP A 9 -1.60 6.89 21.64
N ASN A 10 -0.74 7.48 22.49
CA ASN A 10 0.69 7.22 22.25
C ASN A 10 0.98 5.71 22.22
N ALA A 11 0.49 5.00 23.20
CA ALA A 11 0.73 3.57 23.30
C ALA A 11 0.20 2.86 22.06
N PHE A 12 -1.08 3.17 21.80
CA PHE A 12 -1.71 2.59 20.61
C PHE A 12 -0.87 2.80 19.37
N ILE A 15 2.48 1.04 19.09
CA ILE A 15 2.29 -0.38 18.75
C ILE A 15 1.82 -0.52 17.32
N CYS A 16 0.92 0.34 16.87
CA CYS A 16 0.47 0.25 15.47
C CYS A 16 1.66 0.50 14.57
N THR A 17 2.56 1.41 14.91
CA THR A 17 3.72 1.60 14.05
C THR A 17 4.59 0.35 14.00
N ALA A 18 4.80 -0.29 15.16
CA ALA A 18 5.55 -1.56 15.15
C ALA A 18 4.84 -2.54 14.25
N LEU A 19 3.54 -2.62 14.31
CA LEU A 19 2.80 -3.53 13.44
C LEU A 19 2.99 -3.17 11.99
N VAL A 20 2.99 -1.88 11.68
CA VAL A 20 3.19 -1.54 10.24
C VAL A 20 4.62 -1.90 9.82
N LEU A 21 5.59 -1.64 10.69
CA LEU A 21 6.98 -2.00 10.33
C LEU A 21 7.05 -3.50 10.09
N PHE A 22 6.32 -4.26 10.88
CA PHE A 22 6.28 -5.74 10.78
C PHE A 22 5.79 -6.12 9.40
N THR A 24 6.59 -4.85 6.65
CA THR A 24 7.69 -4.90 5.71
C THR A 24 8.72 -5.94 6.15
N ILE A 25 9.07 -5.78 7.44
CA ILE A 25 10.15 -6.53 8.05
C ILE A 25 9.50 -7.46 9.07
N PRO A 26 9.13 -8.70 8.77
CA PRO A 26 9.45 -9.37 7.51
C PRO A 26 8.29 -9.67 6.59
N GLY A 27 7.11 -9.13 6.86
CA GLY A 27 5.87 -9.55 6.15
C GLY A 27 6.06 -9.59 4.64
N ILE A 28 6.39 -8.47 4.02
CA ILE A 28 6.34 -8.42 2.55
C ILE A 28 7.49 -9.20 1.98
N ALA A 29 8.56 -9.27 2.75
CA ALA A 29 9.73 -10.06 2.30
C ALA A 29 9.42 -11.53 2.26
N LEU A 30 8.73 -12.01 3.28
CA LEU A 30 8.34 -13.43 3.24
C LEU A 30 7.32 -13.65 2.14
N PHE A 31 6.41 -12.71 2.00
CA PHE A 31 5.37 -12.85 0.99
C PHE A 31 5.98 -13.05 -0.37
N TYR A 32 6.87 -12.15 -0.75
CA TYR A 32 7.51 -12.33 -2.04
C TYR A 32 8.55 -13.45 -2.05
N GLY A 33 9.10 -13.73 -0.90
CA GLY A 33 10.04 -14.85 -0.83
C GLY A 33 9.35 -16.13 -1.29
N GLY A 34 8.06 -16.27 -1.06
CA GLY A 34 7.35 -17.46 -1.49
C GLY A 34 6.96 -17.42 -2.94
N LEU A 35 7.12 -16.32 -3.62
CA LEU A 35 6.69 -16.11 -4.99
C LEU A 35 7.83 -16.07 -5.99
N ILE A 36 9.03 -15.91 -5.45
CA ILE A 36 10.14 -15.91 -6.38
C ILE A 36 10.93 -17.20 -6.20
N ARG A 37 11.78 -17.44 -7.22
CA ARG A 37 12.66 -18.59 -7.24
C ARG A 37 13.71 -18.50 -6.15
N GLY A 38 14.05 -19.68 -5.63
CA GLY A 38 15.00 -19.85 -4.54
C GLY A 38 16.21 -19.00 -4.86
N LYS A 39 16.66 -19.04 -6.11
CA LYS A 39 17.96 -18.44 -6.44
C LYS A 39 18.00 -16.93 -6.30
N ASN A 40 16.87 -16.25 -6.21
CA ASN A 40 16.79 -14.81 -6.14
C ASN A 40 16.30 -14.33 -4.75
N VAL A 41 16.00 -15.28 -3.88
CA VAL A 41 15.39 -14.86 -2.65
C VAL A 41 16.36 -14.05 -1.81
N LEU A 42 17.59 -14.50 -1.78
CA LEU A 42 18.62 -13.79 -1.02
C LEU A 42 18.78 -12.34 -1.42
N SER A 43 18.86 -12.12 -2.73
CA SER A 43 18.97 -10.82 -3.29
C SER A 43 17.74 -9.97 -2.94
N LEU A 45 15.73 -10.34 -0.45
CA LEU A 45 15.65 -10.01 0.97
C LEU A 45 16.64 -8.91 1.28
N THR A 46 17.81 -8.96 0.63
CA THR A 46 18.80 -7.89 0.85
C THR A 46 18.28 -6.57 0.37
N GLN A 47 17.66 -6.56 -0.83
CA GLN A 47 17.17 -5.30 -1.37
C GLN A 47 16.02 -4.78 -0.51
N VAL A 48 15.19 -5.72 -0.05
CA VAL A 48 14.07 -5.19 0.77
C VAL A 48 14.63 -4.58 2.04
N THR A 49 15.60 -5.23 2.64
CA THR A 49 16.09 -4.78 3.94
C THR A 49 16.85 -3.47 3.76
N VAL A 50 17.69 -3.39 2.70
CA VAL A 50 18.50 -2.19 2.53
C VAL A 50 17.61 -1.05 2.06
N THR A 51 16.65 -1.29 1.17
CA THR A 51 15.81 -0.14 0.80
C THR A 51 14.91 0.27 1.97
N PHE A 52 14.54 -0.68 2.81
CA PHE A 52 13.78 -0.34 4.04
C PHE A 52 14.59 0.66 4.86
N ALA A 53 15.87 0.31 5.01
CA ALA A 53 16.72 1.17 5.82
C ALA A 53 16.82 2.54 5.20
N LEU A 54 17.03 2.52 3.87
CA LEU A 54 17.11 3.80 3.13
C LEU A 54 15.85 4.61 3.32
N VAL A 55 14.68 4.01 3.19
CA VAL A 55 13.44 4.76 3.37
C VAL A 55 13.34 5.34 4.78
N CYS A 56 13.72 4.52 5.75
CA CYS A 56 13.68 4.99 7.13
C CYS A 56 14.52 6.24 7.31
N ILE A 57 15.70 6.25 6.72
CA ILE A 57 16.61 7.41 6.89
C ILE A 57 16.07 8.54 6.05
N LEU A 58 15.70 8.34 4.78
CA LEU A 58 15.23 9.50 4.02
C LEU A 58 14.00 10.11 4.68
N TRP A 59 13.16 9.25 5.29
CA TRP A 59 11.95 9.75 5.93
C TRP A 59 12.29 10.74 7.04
N VAL A 60 13.24 10.39 7.92
CA VAL A 60 13.57 11.36 8.99
C VAL A 60 14.38 12.50 8.43
N VAL A 61 15.24 12.24 7.41
CA VAL A 61 16.02 13.37 6.91
C VAL A 61 15.14 14.44 6.31
N TYR A 62 14.26 14.05 5.40
CA TYR A 62 13.41 15.05 4.77
C TYR A 62 12.00 14.56 4.46
N GLY A 63 11.76 13.25 4.43
CA GLY A 63 10.48 12.84 3.90
C GLY A 63 9.34 13.29 4.78
N TYR A 64 9.49 13.16 6.08
CA TYR A 64 8.44 13.59 6.99
C TYR A 64 8.16 15.07 6.81
N SER A 65 9.25 15.86 6.72
CA SER A 65 8.97 17.29 6.55
C SER A 65 8.26 17.66 5.26
N LEU A 66 8.65 16.99 4.19
CA LEU A 66 8.05 17.32 2.89
C LEU A 66 6.70 16.68 2.73
N ALA A 67 6.47 15.57 3.46
CA ALA A 67 5.13 14.95 3.33
C ALA A 67 4.11 15.60 4.25
N SER A 68 4.55 15.86 5.47
CA SER A 68 3.62 16.32 6.51
C SER A 68 3.75 17.78 6.88
N GLY A 69 4.83 18.45 6.50
CA GLY A 69 4.96 19.87 6.80
C GLY A 69 3.97 20.63 5.94
N GLU A 70 3.62 21.83 6.40
CA GLU A 70 2.65 22.63 5.65
C GLU A 70 3.41 23.26 4.51
N GLY A 71 2.81 23.28 3.33
CA GLY A 71 3.58 23.87 2.23
C GLY A 71 2.59 24.22 1.14
N ASN A 72 2.52 23.36 0.13
CA ASN A 72 1.58 23.71 -0.94
C ASN A 72 0.72 22.50 -1.28
N ASN A 73 0.09 22.44 -2.43
CA ASN A 73 -0.77 21.30 -2.71
C ASN A 73 0.00 20.00 -2.91
N PHE A 74 1.29 20.11 -3.20
CA PHE A 74 2.02 18.92 -3.63
C PHE A 74 3.12 18.50 -2.68
N PHE A 75 3.67 19.45 -1.96
CA PHE A 75 4.69 19.07 -0.96
C PHE A 75 4.66 20.08 0.18
N GLY A 76 5.29 19.68 1.27
CA GLY A 76 5.29 20.43 2.51
C GLY A 76 6.47 21.38 2.58
N ASN A 77 7.37 21.14 3.52
CA ASN A 77 8.45 22.13 3.60
C ASN A 77 9.74 21.43 4.08
N ILE A 78 10.79 22.21 4.31
CA ILE A 78 12.02 21.57 4.78
C ILE A 78 12.33 22.13 6.15
N ASN A 79 11.31 22.52 6.90
CA ASN A 79 11.56 23.06 8.23
C ASN A 79 11.75 21.97 9.29
N TRP A 80 11.39 20.74 8.89
CA TRP A 80 11.55 19.61 9.82
C TRP A 80 12.58 18.61 9.32
N LEU A 81 13.62 19.07 8.66
CA LEU A 81 14.71 18.21 8.22
C LEU A 81 15.38 17.61 9.43
N LEU A 83 14.02 16.20 11.67
CA LEU A 83 13.06 16.50 12.73
C LEU A 83 13.46 17.74 13.52
N LYS A 84 14.27 18.56 12.86
CA LYS A 84 14.64 19.79 13.59
C LYS A 84 13.37 20.60 13.86
N ASN A 85 13.43 21.32 14.96
CA ASN A 85 12.32 22.22 15.33
C ASN A 85 11.12 21.44 15.83
N ILE A 86 11.27 20.11 15.96
CA ILE A 86 10.22 19.36 16.63
C ILE A 86 10.67 19.08 18.04
N GLU A 87 9.97 19.76 18.96
CA GLU A 87 10.24 19.49 20.37
C GLU A 87 9.86 18.06 20.70
N LEU A 88 10.57 17.40 21.57
CA LEU A 88 10.15 16.01 21.81
C LEU A 88 8.75 15.94 22.40
N THR A 89 8.35 17.01 23.10
CA THR A 89 6.97 16.96 23.60
C THR A 89 5.94 17.55 22.65
N ALA A 90 6.30 17.91 21.43
CA ALA A 90 5.33 18.39 20.47
C ALA A 90 4.26 17.33 20.25
N VAL A 91 3.02 17.79 20.13
CA VAL A 91 1.89 16.89 19.94
C VAL A 91 1.29 17.12 18.56
N GLY A 93 -2.10 15.92 16.68
CA GLY A 93 -3.31 15.18 16.97
C GLY A 93 -3.36 14.93 18.47
N SER A 94 -3.37 13.68 18.92
CA SER A 94 -3.37 13.44 20.36
C SER A 94 -2.16 12.58 20.76
N ILE A 95 -1.17 12.57 19.89
CA ILE A 95 0.03 11.83 20.23
C ILE A 95 1.27 12.71 20.07
N TYR A 96 2.35 12.23 20.72
CA TYR A 96 3.61 12.96 20.43
C TYR A 96 3.91 12.92 18.94
N GLN A 97 4.33 14.06 18.43
CA GLN A 97 4.67 14.16 17.02
C GLN A 97 5.73 13.13 16.63
N TYR A 98 6.67 12.81 17.48
CA TYR A 98 7.64 11.79 17.07
C TYR A 98 6.96 10.48 16.72
N ILE A 99 5.84 10.15 17.37
CA ILE A 99 5.20 8.91 17.05
C ILE A 99 4.55 9.02 15.68
N HIS A 100 4.02 10.21 15.41
CA HIS A 100 3.43 10.46 14.10
C HIS A 100 4.48 10.29 13.00
N VAL A 101 5.66 10.81 13.27
CA VAL A 101 6.77 10.65 12.35
C VAL A 101 6.99 9.15 12.05
N ALA A 102 7.05 8.40 13.11
CA ALA A 102 7.39 6.98 12.95
C ALA A 102 6.27 6.24 12.25
N PHE A 103 5.06 6.52 12.66
CA PHE A 103 3.93 5.82 12.04
C PHE A 103 3.90 6.14 10.56
N GLN A 104 4.03 7.43 10.18
CA GLN A 104 3.99 7.75 8.77
C GLN A 104 5.18 7.14 8.04
N GLY A 105 6.34 7.08 8.73
CA GLY A 105 7.50 6.51 8.04
C GLY A 105 7.24 5.06 7.74
N SER A 106 6.51 4.39 8.64
CA SER A 106 6.30 2.96 8.43
C SER A 106 5.48 2.71 7.19
N PHE A 107 4.64 3.66 6.84
CA PHE A 107 3.82 3.52 5.64
C PHE A 107 4.70 3.67 4.42
N ALA A 108 5.65 4.63 4.49
CA ALA A 108 6.58 4.77 3.36
C ALA A 108 7.31 3.45 3.13
N CYS A 109 7.66 2.81 4.26
CA CYS A 109 8.45 1.58 4.15
C CYS A 109 7.65 0.48 3.51
N ILE A 110 6.39 0.29 3.94
CA ILE A 110 5.70 -0.90 3.35
C ILE A 110 5.42 -0.56 1.90
N THR A 111 5.20 0.72 1.55
CA THR A 111 4.92 1.05 0.16
C THR A 111 6.11 0.71 -0.73
N VAL A 112 7.27 1.12 -0.28
CA VAL A 112 8.48 0.77 -1.04
C VAL A 112 8.72 -0.71 -0.99
N GLY A 113 8.49 -1.39 0.15
CA GLY A 113 8.69 -2.83 0.19
C GLY A 113 7.82 -3.56 -0.83
N LEU A 114 6.61 -3.05 -1.08
CA LEU A 114 5.72 -3.69 -2.03
C LEU A 114 6.35 -3.68 -3.43
N ILE A 115 7.02 -2.58 -3.72
CA ILE A 115 7.63 -2.43 -5.05
C ILE A 115 8.87 -3.30 -5.10
N VAL A 116 9.72 -3.12 -4.08
CA VAL A 116 11.04 -3.76 -4.15
C VAL A 116 10.96 -5.28 -4.06
N GLY A 117 10.05 -5.77 -3.20
CA GLY A 117 9.98 -7.18 -3.02
C GLY A 117 9.70 -7.86 -4.35
N ALA A 118 8.85 -7.23 -5.17
CA ALA A 118 8.45 -7.84 -6.44
C ALA A 118 9.56 -7.78 -7.47
N LEU A 119 10.18 -6.61 -7.53
CA LEU A 119 11.09 -6.33 -8.64
C LEU A 119 12.54 -6.61 -8.32
N ALA A 120 12.90 -6.77 -7.07
CA ALA A 120 14.29 -6.95 -6.69
C ALA A 120 15.05 -7.97 -7.55
N GLU A 121 14.35 -9.06 -7.87
CA GLU A 121 15.06 -10.15 -8.53
C GLU A 121 15.46 -9.77 -9.94
N ARG A 122 14.87 -8.67 -10.46
CA ARG A 122 15.23 -8.30 -11.82
C ARG A 122 15.97 -6.99 -11.92
N ILE A 123 16.24 -6.34 -10.79
CA ILE A 123 16.85 -5.00 -10.84
C ILE A 123 18.18 -5.02 -10.11
N ARG A 124 19.16 -4.35 -10.72
CA ARG A 124 20.45 -4.28 -10.07
C ARG A 124 20.31 -3.56 -8.73
N PHE A 125 21.17 -3.98 -7.81
CA PHE A 125 21.13 -3.39 -6.45
C PHE A 125 21.29 -1.90 -6.50
N PRO A 126 22.36 -1.32 -7.06
CA PRO A 126 22.47 0.14 -7.07
C PRO A 126 21.28 0.80 -7.76
N ALA A 127 20.72 0.13 -8.75
CA ALA A 127 19.60 0.72 -9.47
C ALA A 127 18.37 0.80 -8.56
N VAL A 128 18.14 -0.20 -7.73
CA VAL A 128 16.95 -0.12 -6.90
C VAL A 128 17.12 1.02 -5.91
N LEU A 129 18.35 1.25 -5.47
CA LEU A 129 18.59 2.35 -4.52
C LEU A 129 18.27 3.68 -5.19
N ILE A 130 18.77 3.87 -6.41
CA ILE A 130 18.43 5.10 -7.11
C ILE A 130 16.93 5.23 -7.32
N PHE A 131 16.31 4.14 -7.75
CA PHE A 131 14.87 4.19 -7.99
C PHE A 131 14.17 4.63 -6.70
N VAL A 132 14.54 3.99 -5.57
CA VAL A 132 13.77 4.33 -4.35
C VAL A 132 13.95 5.79 -3.98
N VAL A 133 15.19 6.28 -4.12
CA VAL A 133 15.36 7.69 -3.79
C VAL A 133 14.46 8.58 -4.65
N VAL A 134 14.48 8.27 -5.95
CA VAL A 134 13.70 9.10 -6.83
C VAL A 134 12.21 8.93 -6.55
N TRP A 135 11.77 7.67 -6.47
CA TRP A 135 10.32 7.51 -6.36
C TRP A 135 9.83 7.87 -4.96
N LEU A 136 10.60 7.56 -3.91
CA LEU A 136 10.13 7.98 -2.60
C LEU A 136 9.96 9.47 -2.53
N THR A 137 10.97 10.13 -3.08
CA THR A 137 11.09 11.59 -2.94
C THR A 137 10.03 12.29 -3.77
N LEU A 138 9.80 11.80 -4.99
CA LEU A 138 8.98 12.55 -5.93
C LEU A 138 7.61 11.95 -6.15
N SER A 139 7.38 10.71 -5.71
CA SER A 139 6.04 10.19 -5.82
C SER A 139 5.42 9.96 -4.43
N TYR A 140 6.11 9.19 -3.61
CA TYR A 140 5.51 8.86 -2.32
C TYR A 140 5.28 10.16 -1.56
N ILE A 141 6.32 10.92 -1.41
CA ILE A 141 6.20 12.11 -0.53
C ILE A 141 5.14 13.07 -1.03
N PRO A 142 5.16 13.47 -2.29
CA PRO A 142 4.08 14.38 -2.74
C PRO A 142 2.70 13.74 -2.62
N ILE A 143 2.59 12.45 -2.96
CA ILE A 143 1.23 11.88 -2.88
C ILE A 143 0.80 11.83 -1.42
N ALA A 144 1.73 11.43 -0.55
CA ALA A 144 1.35 11.48 0.88
C ALA A 144 0.99 12.87 1.36
N HIS A 145 1.71 13.86 0.84
CA HIS A 145 1.36 15.26 1.13
C HIS A 145 -0.06 15.56 0.67
N VAL A 147 -2.53 13.63 0.09
CA VAL A 147 -3.66 12.95 0.74
C VAL A 147 -3.72 13.18 2.24
N TRP A 148 -2.54 13.13 2.87
CA TRP A 148 -2.54 13.16 4.31
C TRP A 148 -1.86 14.39 4.88
N GLY A 149 -1.25 15.17 4.03
CA GLY A 149 -0.55 16.38 4.44
C GLY A 149 -1.30 17.63 4.01
N GLY A 150 -2.60 17.55 3.77
CA GLY A 150 -3.36 18.77 3.63
C GLY A 150 -3.21 19.29 2.20
N GLY A 151 -2.69 18.51 1.28
CA GLY A 151 -2.45 18.86 -0.12
C GLY A 151 -3.65 18.68 -1.03
N LEU A 152 -3.36 18.53 -2.32
CA LEU A 152 -4.38 18.69 -3.34
C LEU A 152 -5.58 17.77 -3.11
N LEU A 153 -5.26 16.51 -2.78
CA LEU A 153 -6.38 15.56 -2.78
C LEU A 153 -7.20 15.74 -1.51
N ALA A 154 -6.50 15.94 -0.39
CA ALA A 154 -7.23 16.26 0.85
C ALA A 154 -8.08 17.50 0.65
N SER A 155 -7.55 18.48 -0.09
CA SER A 155 -8.26 19.74 -0.29
C SER A 155 -9.52 19.52 -1.14
N HIS A 156 -9.49 18.54 -2.05
CA HIS A 156 -10.67 18.18 -2.83
C HIS A 156 -11.61 17.24 -2.06
N GLY A 157 -11.20 16.78 -0.86
CA GLY A 157 -12.14 15.95 -0.09
C GLY A 157 -12.06 14.50 -0.47
N ALA A 158 -10.96 14.05 -1.10
CA ALA A 158 -10.77 12.64 -1.32
C ALA A 158 -10.81 11.89 -0.01
N LEU A 159 -11.52 10.77 -0.05
CA LEU A 159 -11.58 9.94 1.14
C LEU A 159 -10.55 8.82 0.96
N ASP A 160 -9.63 8.70 1.90
CA ASP A 160 -8.66 7.60 1.79
C ASP A 160 -8.14 7.40 3.20
N PHE A 161 -8.82 6.55 3.95
CA PHE A 161 -8.51 6.49 5.38
C PHE A 161 -7.06 6.07 5.65
N ALA A 162 -6.65 4.97 4.98
CA ALA A 162 -5.31 4.42 5.30
C ALA A 162 -4.44 4.25 4.09
N GLY A 163 -4.77 4.70 2.87
CA GLY A 163 -3.79 4.72 1.76
C GLY A 163 -4.08 3.86 0.58
N GLY A 164 -5.33 3.76 0.15
CA GLY A 164 -5.60 3.12 -1.13
C GLY A 164 -4.82 3.84 -2.19
N THR A 165 -4.68 5.18 -2.04
CA THR A 165 -3.93 5.83 -3.07
C THR A 165 -2.45 5.88 -2.71
N VAL A 166 -2.14 6.46 -1.55
CA VAL A 166 -0.75 6.75 -1.22
C VAL A 166 0.07 5.49 -1.19
N VAL A 167 -0.48 4.38 -0.71
CA VAL A 167 0.30 3.16 -0.62
C VAL A 167 -0.02 2.25 -1.79
N HIS A 168 -1.26 1.81 -1.92
CA HIS A 168 -1.45 0.69 -2.83
C HIS A 168 -1.47 1.06 -4.30
N ILE A 169 -2.26 2.04 -4.67
CA ILE A 169 -2.20 2.35 -6.11
C ILE A 169 -0.86 2.93 -6.51
N ASN A 170 -0.34 3.76 -5.61
CA ASN A 170 0.96 4.39 -5.86
C ASN A 170 2.01 3.35 -6.14
N ALA A 171 2.08 2.36 -5.25
CA ALA A 171 3.09 1.32 -5.41
C ALA A 171 2.76 0.41 -6.58
N ALA A 172 1.49 0.09 -6.79
CA ALA A 172 1.11 -0.84 -7.87
C ALA A 172 1.55 -0.26 -9.23
N ILE A 173 1.33 1.05 -9.42
CA ILE A 173 1.70 1.63 -10.73
C ILE A 173 3.20 1.65 -10.85
N ALA A 174 3.87 2.05 -9.75
CA ALA A 174 5.34 2.01 -9.87
C ALA A 174 5.82 0.60 -10.17
N GLY A 175 5.18 -0.40 -9.54
CA GLY A 175 5.67 -1.77 -9.76
C GLY A 175 5.34 -2.20 -11.16
N LEU A 176 4.15 -1.81 -11.63
CA LEU A 176 3.81 -2.26 -12.99
C LEU A 176 4.67 -1.55 -14.03
N VAL A 177 5.03 -0.30 -13.78
CA VAL A 177 5.96 0.34 -14.72
C VAL A 177 7.29 -0.38 -14.74
N GLY A 178 7.79 -0.76 -13.55
CA GLY A 178 9.00 -1.53 -13.45
C GLY A 178 8.90 -2.84 -14.21
N ALA A 179 7.78 -3.55 -14.07
CA ALA A 179 7.59 -4.81 -14.76
C ALA A 179 7.62 -4.58 -16.25
N TYR A 180 7.08 -3.42 -16.66
CA TYR A 180 7.00 -3.17 -18.09
C TYR A 180 8.37 -2.83 -18.64
N LEU A 181 9.16 -2.13 -17.84
CA LEU A 181 10.42 -1.65 -18.37
C LEU A 181 11.53 -2.69 -18.20
N ILE A 182 11.38 -3.60 -17.24
CA ILE A 182 12.47 -4.48 -16.90
C ILE A 182 12.11 -5.93 -17.20
N GLY A 183 12.80 -6.47 -18.19
CA GLY A 183 12.41 -7.82 -18.57
C GLY A 183 12.94 -8.80 -17.55
N LYS A 184 12.40 -10.00 -17.65
CA LYS A 184 12.78 -11.09 -16.78
C LYS A 184 12.72 -12.38 -17.58
N ARG A 185 13.84 -13.11 -17.61
CA ARG A 185 13.84 -14.41 -18.28
C ARG A 185 13.19 -15.41 -17.32
N VAL A 186 12.16 -16.06 -17.85
CA VAL A 186 11.54 -17.12 -17.06
C VAL A 186 12.16 -18.47 -17.40
N GLY A 187 12.80 -19.02 -16.38
CA GLY A 187 13.51 -20.27 -16.57
C GLY A 187 12.53 -21.39 -16.96
N PHE A 188 13.11 -22.38 -17.67
CA PHE A 188 12.27 -23.52 -18.02
C PHE A 188 11.75 -24.22 -16.77
N GLY A 189 10.43 -24.45 -16.70
CA GLY A 189 9.96 -25.22 -15.54
C GLY A 189 9.54 -24.26 -14.42
N LYS A 190 9.76 -22.97 -14.61
CA LYS A 190 9.48 -22.00 -13.57
C LYS A 190 8.33 -21.08 -13.96
N GLU A 191 7.43 -21.61 -14.78
CA GLU A 191 6.37 -20.76 -15.34
C GLU A 191 5.23 -20.54 -14.36
N ALA A 192 5.23 -21.31 -13.29
CA ALA A 192 4.16 -21.19 -12.30
C ALA A 192 4.82 -21.09 -10.94
N PHE A 193 4.14 -20.48 -9.99
CA PHE A 193 4.73 -20.39 -8.64
C PHE A 193 4.97 -21.79 -8.09
N LYS A 194 6.09 -21.91 -7.40
CA LYS A 194 6.45 -23.23 -6.90
C LYS A 194 5.62 -23.53 -5.65
N PRO A 195 4.82 -24.59 -5.69
CA PRO A 195 3.97 -24.88 -4.52
C PRO A 195 4.78 -25.03 -3.25
N HIS A 196 5.96 -25.63 -3.35
CA HIS A 196 6.76 -25.85 -2.15
C HIS A 196 6.99 -24.59 -1.33
N ASN A 197 7.06 -23.44 -2.01
CA ASN A 197 7.38 -22.18 -1.37
C ASN A 197 6.15 -21.40 -0.93
N LEU A 198 4.96 -21.87 -1.30
CA LEU A 198 3.74 -21.12 -0.95
C LEU A 198 3.50 -21.07 0.54
N PRO A 199 3.89 -21.95 1.43
CA PRO A 199 3.72 -21.64 2.87
C PRO A 199 4.38 -20.32 3.27
N VAL A 201 4.46 -17.67 1.38
CA VAL A 201 3.51 -16.68 0.89
C VAL A 201 2.41 -16.57 1.95
N PHE A 202 1.93 -17.72 2.41
CA PHE A 202 0.94 -17.69 3.49
C PHE A 202 1.49 -16.95 4.68
N THR A 203 2.67 -17.29 5.11
CA THR A 203 3.15 -16.66 6.33
C THR A 203 3.32 -15.17 6.11
N GLY A 204 3.83 -14.77 4.95
CA GLY A 204 3.92 -13.33 4.70
C GLY A 204 2.56 -12.68 4.66
N THR A 205 1.61 -13.36 4.03
CA THR A 205 0.24 -12.79 4.01
C THR A 205 -0.25 -12.62 5.44
N ALA A 206 0.02 -13.62 6.30
CA ALA A 206 -0.48 -13.56 7.67
C ALA A 206 0.13 -12.37 8.40
N ILE A 207 1.42 -12.17 8.23
CA ILE A 207 2.07 -11.08 8.91
C ILE A 207 1.57 -9.76 8.35
N LEU A 208 1.39 -9.64 7.03
CA LEU A 208 0.81 -8.45 6.42
C LEU A 208 -0.57 -8.24 7.04
N TYR A 209 -1.36 -9.29 7.19
CA TYR A 209 -2.71 -9.11 7.76
C TYR A 209 -2.64 -8.58 9.20
N ILE A 210 -1.82 -9.22 10.02
CA ILE A 210 -1.83 -8.75 11.41
C ILE A 210 -1.25 -7.34 11.49
N GLY A 211 -0.22 -7.07 10.68
CA GLY A 211 0.35 -5.70 10.75
C GLY A 211 -0.67 -4.72 10.23
N TRP A 212 -1.55 -5.21 9.33
CA TRP A 212 -2.47 -4.24 8.72
C TRP A 212 -3.48 -3.69 9.73
N PHE A 213 -3.62 -4.38 10.87
CA PHE A 213 -4.46 -3.76 11.88
C PHE A 213 -3.79 -2.47 12.35
N GLY A 214 -2.47 -2.46 12.46
CA GLY A 214 -1.77 -1.23 12.87
C GLY A 214 -1.96 -0.20 11.77
N PHE A 215 -1.91 -0.66 10.55
CA PHE A 215 -1.99 0.21 9.39
C PHE A 215 -3.37 0.88 9.29
N ASN A 216 -4.40 0.05 9.35
CA ASN A 216 -5.73 0.60 9.15
C ASN A 216 -6.21 1.23 10.45
N ALA A 217 -6.19 0.54 11.58
CA ALA A 217 -6.75 1.11 12.81
C ALA A 217 -5.89 2.27 13.27
N GLY A 218 -4.58 2.16 13.11
CA GLY A 218 -3.66 3.20 13.51
C GLY A 218 -3.93 4.48 12.73
N SER A 219 -4.48 4.36 11.53
CA SER A 219 -4.75 5.56 10.75
C SER A 219 -5.81 6.45 11.38
N ALA A 220 -6.52 5.93 12.39
CA ALA A 220 -7.41 6.81 13.19
C ALA A 220 -6.59 7.79 14.02
N GLY A 221 -5.36 7.48 14.35
CA GLY A 221 -4.49 8.34 15.11
C GLY A 221 -4.81 8.34 16.59
N THR A 222 -5.68 7.45 17.04
CA THR A 222 -6.15 7.44 18.42
C THR A 222 -6.87 6.12 18.61
N ALA A 223 -6.90 5.59 19.82
CA ALA A 223 -7.59 4.35 20.09
C ALA A 223 -9.04 4.69 20.43
N ASN A 224 -9.75 5.11 19.38
CA ASN A 224 -11.16 5.50 19.62
C ASN A 224 -12.08 4.57 18.85
N GLU A 225 -13.30 5.11 18.65
CA GLU A 225 -14.27 4.27 18.03
C GLU A 225 -14.05 4.15 16.51
N ILE A 226 -13.30 5.11 15.95
CA ILE A 226 -12.96 5.02 14.53
C ILE A 226 -11.87 3.97 14.36
N ALA A 227 -10.90 3.98 15.26
CA ALA A 227 -9.92 2.87 15.25
C ALA A 227 -10.68 1.57 15.34
N ALA A 228 -11.67 1.51 16.23
CA ALA A 228 -12.34 0.25 16.44
C ALA A 228 -13.12 -0.16 15.21
N LEU A 229 -13.77 0.80 14.57
CA LEU A 229 -14.50 0.51 13.36
C LEU A 229 -13.52 0.03 12.29
N ALA A 230 -12.40 0.71 12.15
CA ALA A 230 -11.43 0.38 11.12
C ALA A 230 -10.93 -1.05 11.39
N PHE A 231 -10.74 -1.37 12.66
CA PHE A 231 -10.27 -2.72 13.03
C PHE A 231 -11.31 -3.72 12.56
N VAL A 232 -12.55 -3.54 12.98
CA VAL A 232 -13.56 -4.54 12.63
C VAL A 232 -13.71 -4.63 11.12
N ASN A 233 -13.72 -3.51 10.44
CA ASN A 233 -13.88 -3.56 8.99
C ASN A 233 -12.69 -4.24 8.31
N THR A 234 -11.52 -4.17 8.93
CA THR A 234 -10.36 -4.88 8.37
C THR A 234 -10.60 -6.36 8.51
N VAL A 235 -11.09 -6.81 9.66
CA VAL A 235 -11.37 -8.22 9.85
C VAL A 235 -12.38 -8.67 8.78
N VAL A 236 -13.47 -7.88 8.70
CA VAL A 236 -14.59 -8.29 7.86
C VAL A 236 -14.26 -8.22 6.39
N ALA A 237 -13.63 -7.16 5.91
CA ALA A 237 -13.34 -7.05 4.47
C ALA A 237 -12.33 -8.11 4.07
N THR A 238 -11.37 -8.35 4.98
CA THR A 238 -10.39 -9.36 4.56
C THR A 238 -11.06 -10.73 4.40
N ALA A 239 -11.90 -11.07 5.35
CA ALA A 239 -12.58 -12.37 5.36
C ALA A 239 -13.49 -12.45 4.16
N ALA A 240 -14.19 -11.35 3.90
CA ALA A 240 -15.13 -11.35 2.75
C ALA A 240 -14.38 -11.49 1.44
N ALA A 241 -13.18 -10.92 1.34
CA ALA A 241 -12.43 -11.03 0.09
C ALA A 241 -11.80 -12.37 -0.05
N ILE A 242 -11.37 -12.99 1.05
CA ILE A 242 -10.89 -14.35 0.97
C ILE A 242 -12.01 -15.22 0.39
N LEU A 243 -13.20 -15.06 0.95
CA LEU A 243 -14.31 -15.85 0.47
C LEU A 243 -14.69 -15.46 -0.95
N GLY A 244 -14.71 -14.16 -1.26
CA GLY A 244 -15.05 -13.81 -2.66
C GLY A 244 -14.04 -14.37 -3.64
N TRP A 245 -12.76 -14.22 -3.36
CA TRP A 245 -11.73 -14.73 -4.28
C TRP A 245 -11.91 -16.25 -4.38
N ILE A 246 -11.93 -16.94 -3.25
CA ILE A 246 -11.97 -18.41 -3.33
C ILE A 246 -13.21 -18.92 -4.03
N PHE A 247 -14.34 -18.18 -3.86
CA PHE A 247 -15.58 -18.53 -4.54
C PHE A 247 -15.37 -18.37 -6.02
N GLY A 248 -14.78 -17.23 -6.41
CA GLY A 248 -14.57 -16.96 -7.85
C GLY A 248 -13.63 -18.01 -8.43
N GLU A 249 -12.58 -18.32 -7.67
CA GLU A 249 -11.60 -19.31 -8.13
C GLU A 249 -12.25 -20.68 -8.24
N TRP A 250 -13.06 -21.01 -7.24
CA TRP A 250 -13.69 -22.32 -7.25
C TRP A 250 -14.61 -22.45 -8.44
N ALA A 251 -15.24 -21.33 -8.82
CA ALA A 251 -16.11 -21.32 -9.99
C ALA A 251 -15.29 -21.34 -11.26
N LEU A 252 -14.17 -20.63 -11.25
CA LEU A 252 -13.41 -20.51 -12.49
C LEU A 252 -12.58 -21.76 -12.75
N ARG A 253 -11.99 -22.30 -11.71
CA ARG A 253 -11.02 -23.37 -11.77
C ARG A 253 -11.50 -24.68 -11.16
N GLY A 254 -12.59 -24.69 -10.39
CA GLY A 254 -13.09 -25.92 -9.84
C GLY A 254 -12.55 -26.28 -8.48
N LEU A 255 -11.65 -25.45 -7.97
CA LEU A 255 -11.08 -25.71 -6.64
C LEU A 255 -10.43 -24.45 -6.11
N PRO A 256 -10.51 -24.29 -4.80
CA PRO A 256 -9.83 -23.16 -4.21
C PRO A 256 -8.34 -23.43 -4.20
N SER A 257 -7.49 -22.40 -4.04
CA SER A 257 -6.08 -22.68 -3.82
C SER A 257 -5.56 -21.82 -2.68
N LEU A 258 -4.42 -22.23 -2.16
CA LEU A 258 -3.81 -21.43 -1.09
C LEU A 258 -3.48 -20.06 -1.62
N LEU A 259 -2.89 -19.98 -2.83
CA LEU A 259 -2.55 -18.67 -3.31
C LEU A 259 -3.82 -17.83 -3.51
N GLY A 260 -4.90 -18.53 -3.90
CA GLY A 260 -6.14 -17.76 -4.08
C GLY A 260 -6.60 -17.20 -2.75
N ALA A 261 -6.51 -18.01 -1.70
CA ALA A 261 -6.95 -17.56 -0.38
C ALA A 261 -6.09 -16.39 0.08
N CYS A 262 -4.78 -16.52 -0.05
CA CYS A 262 -3.91 -15.44 0.39
C CYS A 262 -4.14 -14.17 -0.45
N SER A 263 -4.32 -14.35 -1.77
CA SER A 263 -4.54 -13.20 -2.61
C SER A 263 -5.85 -12.50 -2.25
N GLY A 264 -6.82 -13.34 -1.91
CA GLY A 264 -8.11 -12.77 -1.52
C GLY A 264 -7.92 -11.96 -0.25
N ALA A 265 -7.13 -12.43 0.69
CA ALA A 265 -6.86 -11.69 1.94
C ALA A 265 -6.27 -10.35 1.58
N ILE A 266 -5.24 -10.35 0.71
CA ILE A 266 -4.61 -9.09 0.37
C ILE A 266 -5.63 -8.16 -0.33
N ALA A 267 -6.44 -8.80 -1.18
CA ALA A 267 -7.39 -8.01 -1.92
C ALA A 267 -8.29 -7.33 -0.90
N GLY A 268 -8.84 -7.97 0.08
CA GLY A 268 -9.77 -7.26 0.98
C GLY A 268 -9.03 -6.25 1.80
N LEU A 269 -7.81 -6.56 2.19
CA LEU A 269 -7.02 -5.60 2.97
C LEU A 269 -6.76 -4.35 2.17
N VAL A 270 -6.40 -4.57 0.91
CA VAL A 270 -6.16 -3.38 0.07
C VAL A 270 -7.48 -2.66 -0.15
N GLY A 271 -8.53 -3.41 -0.50
CA GLY A 271 -9.80 -2.72 -0.87
C GLY A 271 -10.31 -1.95 0.32
N VAL A 272 -10.15 -2.45 1.53
CA VAL A 272 -10.78 -1.76 2.67
C VAL A 272 -9.88 -0.64 3.20
N THR A 273 -8.61 -0.62 2.73
CA THR A 273 -7.68 0.38 3.24
C THR A 273 -8.22 1.80 3.12
N PRO A 274 -8.65 2.26 1.96
CA PRO A 274 -9.15 3.64 1.88
C PRO A 274 -10.46 3.80 2.63
N ALA A 275 -11.21 2.72 2.82
CA ALA A 275 -12.60 2.80 3.26
C ALA A 275 -12.77 2.59 4.75
N CYS A 276 -11.78 1.97 5.42
CA CYS A 276 -12.09 1.25 6.65
C CYS A 276 -12.64 2.16 7.75
N GLY A 277 -12.20 3.41 7.84
CA GLY A 277 -12.70 4.30 8.91
C GLY A 277 -13.97 5.03 8.51
N TYR A 278 -14.45 4.84 7.29
CA TYR A 278 -15.58 5.61 6.83
C TYR A 278 -16.83 4.81 6.53
N ILE A 279 -16.73 3.50 6.58
CA ILE A 279 -17.85 2.67 6.18
C ILE A 279 -18.35 1.82 7.33
N GLY A 280 -19.54 1.23 7.14
CA GLY A 280 -20.06 0.37 8.18
C GLY A 280 -19.60 -1.04 7.82
N VAL A 281 -19.91 -1.93 8.74
CA VAL A 281 -19.42 -3.32 8.60
C VAL A 281 -20.08 -4.00 7.42
N GLY A 282 -21.33 -3.67 7.12
CA GLY A 282 -21.91 -4.18 5.87
C GLY A 282 -21.19 -3.71 4.63
N GLY A 283 -20.75 -2.43 4.66
CA GLY A 283 -20.05 -1.92 3.50
C GLY A 283 -18.72 -2.67 3.43
N ALA A 284 -18.16 -2.92 4.58
CA ALA A 284 -16.85 -3.63 4.55
C ALA A 284 -16.97 -5.01 3.93
N LEU A 285 -18.07 -5.68 4.26
CA LEU A 285 -18.30 -7.03 3.74
C LEU A 285 -18.42 -6.91 2.22
N ILE A 286 -19.23 -5.97 1.75
CA ILE A 286 -19.44 -5.86 0.32
C ILE A 286 -18.17 -5.44 -0.38
N ILE A 287 -17.43 -4.46 0.20
CA ILE A 287 -16.18 -4.09 -0.44
C ILE A 287 -15.24 -5.29 -0.47
N GLY A 288 -15.23 -6.07 0.61
CA GLY A 288 -14.30 -7.21 0.60
C GLY A 288 -14.69 -8.20 -0.49
N VAL A 289 -15.97 -8.54 -0.60
CA VAL A 289 -16.34 -9.48 -1.65
C VAL A 289 -15.96 -8.96 -3.03
N VAL A 290 -16.34 -7.71 -3.27
CA VAL A 290 -16.04 -7.15 -4.57
C VAL A 290 -14.57 -7.09 -4.85
N ALA A 291 -13.84 -6.67 -3.79
CA ALA A 291 -12.40 -6.55 -3.96
C ALA A 291 -11.83 -7.93 -4.22
N GLY A 292 -12.27 -8.97 -3.53
CA GLY A 292 -11.66 -10.30 -3.79
C GLY A 292 -11.93 -10.71 -5.23
N LEU A 293 -13.18 -10.48 -5.69
CA LEU A 293 -13.47 -10.84 -7.08
C LEU A 293 -12.74 -9.98 -8.08
N ALA A 294 -12.62 -8.69 -7.79
CA ALA A 294 -11.88 -7.81 -8.67
C ALA A 294 -10.42 -8.14 -8.73
N GLY A 295 -9.87 -8.52 -7.57
CA GLY A 295 -8.44 -8.90 -7.59
C GLY A 295 -8.27 -10.16 -8.44
N LEU A 296 -9.17 -11.12 -8.28
CA LEU A 296 -9.06 -12.33 -9.09
C LEU A 296 -9.18 -11.98 -10.57
N TRP A 297 -10.13 -11.12 -10.92
CA TRP A 297 -10.19 -10.64 -12.29
C TRP A 297 -8.87 -9.98 -12.70
N GLY A 298 -8.30 -9.13 -11.85
CA GLY A 298 -7.11 -8.38 -12.26
C GLY A 298 -5.93 -9.32 -12.50
N VAL A 299 -5.78 -10.33 -11.62
CA VAL A 299 -4.55 -11.14 -11.81
C VAL A 299 -4.79 -12.03 -13.02
N THR A 300 -6.09 -12.30 -13.26
CA THR A 300 -6.46 -13.13 -14.42
C THR A 300 -6.12 -12.34 -15.69
N LEU A 302 -3.84 -9.90 -15.85
CA LEU A 302 -2.38 -9.85 -15.97
C LEU A 302 -1.76 -11.14 -16.50
N LYS A 303 -2.30 -12.30 -16.12
CA LYS A 303 -1.83 -13.56 -16.67
C LYS A 303 -2.04 -13.57 -18.18
N ARG A 304 -3.07 -12.92 -18.68
CA ARG A 304 -3.27 -12.92 -20.14
C ARG A 304 -2.18 -12.12 -20.81
N LEU A 305 -1.71 -11.09 -20.11
CA LEU A 305 -0.60 -10.28 -20.59
C LEU A 305 0.74 -10.98 -20.40
N LEU A 306 0.97 -11.55 -19.23
CA LEU A 306 2.28 -12.03 -18.85
C LEU A 306 2.45 -13.50 -19.20
N ARG A 307 1.32 -14.16 -19.05
CA ARG A 307 1.15 -15.57 -19.33
C ARG A 307 2.00 -16.46 -18.45
N VAL A 308 2.73 -15.98 -17.48
CA VAL A 308 3.42 -16.78 -16.48
C VAL A 308 3.05 -16.23 -15.12
N ASP A 309 3.28 -17.02 -14.08
CA ASP A 309 3.16 -16.44 -12.74
C ASP A 309 4.36 -15.55 -12.51
N ASP A 310 4.18 -14.38 -11.92
CA ASP A 310 5.30 -13.52 -11.66
C ASP A 310 5.01 -12.75 -10.37
N PRO A 311 5.96 -12.45 -9.52
CA PRO A 311 5.62 -11.72 -8.28
C PRO A 311 4.98 -10.38 -8.64
N CYS A 312 5.28 -9.80 -9.80
CA CYS A 312 4.60 -8.54 -10.12
C CYS A 312 3.09 -8.69 -10.28
N ASP A 313 2.56 -9.90 -10.32
CA ASP A 313 1.11 -10.12 -10.31
C ASP A 313 0.51 -9.48 -9.05
N VAL A 314 1.31 -9.39 -7.98
CA VAL A 314 0.84 -8.70 -6.75
C VAL A 314 0.31 -7.32 -7.05
N PHE A 315 0.96 -6.63 -7.98
CA PHE A 315 0.56 -5.26 -8.29
C PHE A 315 -0.81 -5.25 -8.93
N GLY A 316 -1.19 -6.39 -9.54
CA GLY A 316 -2.57 -6.34 -10.08
C GLY A 316 -3.56 -6.26 -8.94
N VAL A 317 -3.23 -6.94 -7.84
CA VAL A 317 -4.15 -6.93 -6.73
C VAL A 317 -4.11 -5.56 -6.05
N HIS A 318 -2.91 -5.04 -5.74
CA HIS A 318 -2.83 -3.77 -5.10
C HIS A 318 -3.46 -2.67 -5.97
N GLY A 319 -3.19 -2.77 -7.27
CA GLY A 319 -3.65 -1.72 -8.16
C GLY A 319 -5.15 -1.83 -8.35
N VAL A 320 -5.64 -3.00 -8.77
CA VAL A 320 -7.08 -3.12 -9.02
C VAL A 320 -7.86 -2.96 -7.74
N CYS A 321 -7.46 -3.61 -6.68
CA CYS A 321 -8.23 -3.55 -5.46
C CYS A 321 -8.07 -2.18 -4.82
N GLY A 322 -6.93 -1.51 -5.02
CA GLY A 322 -6.82 -0.16 -4.49
C GLY A 322 -7.80 0.76 -5.21
N ILE A 323 -7.87 0.59 -6.54
CA ILE A 323 -8.84 1.42 -7.27
C ILE A 323 -10.27 1.11 -6.86
N VAL A 324 -10.63 -0.18 -6.78
CA VAL A 324 -11.96 -0.59 -6.40
C VAL A 324 -12.32 -0.06 -5.00
N GLY A 325 -11.35 -0.22 -4.07
CA GLY A 325 -11.69 0.23 -2.70
C GLY A 325 -11.79 1.73 -2.68
N CYS A 326 -10.98 2.45 -3.42
CA CYS A 326 -11.07 3.92 -3.41
C CYS A 326 -12.38 4.38 -4.00
N ILE A 327 -12.78 3.73 -5.11
CA ILE A 327 -14.09 4.11 -5.64
C ILE A 327 -15.21 3.74 -4.68
N THR A 329 -15.28 3.40 -1.58
CA THR A 329 -15.35 4.29 -0.44
C THR A 329 -16.29 5.46 -0.71
N GLY A 330 -16.30 5.91 -1.97
CA GLY A 330 -17.13 7.09 -2.34
C GLY A 330 -18.59 6.73 -2.23
N ILE A 331 -18.91 5.42 -2.23
CA ILE A 331 -20.27 4.93 -2.13
C ILE A 331 -20.57 4.64 -0.66
N PHE A 332 -19.74 3.77 -0.07
CA PHE A 332 -20.12 3.22 1.23
C PHE A 332 -19.83 4.12 2.38
N ALA A 333 -19.17 5.24 2.10
CA ALA A 333 -19.03 6.27 3.17
C ALA A 333 -20.40 6.88 3.46
N ALA A 334 -21.34 6.71 2.53
CA ALA A 334 -22.69 7.31 2.78
C ALA A 334 -23.32 6.79 4.06
N SER A 335 -24.04 7.62 4.85
CA SER A 335 -24.65 7.23 6.09
C SER A 335 -25.83 6.24 5.78
N SER A 336 -26.35 6.49 4.57
CA SER A 336 -27.48 5.63 4.22
C SER A 336 -27.02 4.18 4.11
N LEU A 337 -25.70 4.00 3.90
CA LEU A 337 -25.17 2.64 3.86
C LEU A 337 -24.38 2.31 5.11
N GLY A 338 -24.57 3.10 6.16
CA GLY A 338 -23.94 2.80 7.43
C GLY A 338 -22.59 3.44 7.56
N GLY A 339 -22.23 4.31 6.63
CA GLY A 339 -20.91 4.93 6.73
C GLY A 339 -20.94 6.22 7.52
N VAL A 340 -19.83 6.93 7.44
CA VAL A 340 -19.67 8.09 8.28
C VAL A 340 -20.40 9.30 7.78
N GLY A 341 -20.69 9.30 6.48
CA GLY A 341 -20.58 10.77 6.23
C GLY A 341 -19.98 11.18 5.01
N PHE A 342 -20.62 12.00 4.14
CA PHE A 342 -19.73 12.77 3.32
C PHE A 342 -19.55 14.14 4.00
N ALA A 343 -18.54 14.83 3.52
CA ALA A 343 -18.25 16.16 4.06
C ALA A 343 -19.33 17.13 3.61
N GLU A 344 -19.15 18.32 4.16
CA GLU A 344 -20.19 19.31 3.89
C GLU A 344 -20.42 19.57 2.42
N GLY A 345 -21.69 19.58 2.02
CA GLY A 345 -22.02 19.93 0.66
C GLY A 345 -21.83 18.77 -0.29
N VAL A 346 -21.25 17.65 0.21
CA VAL A 346 -20.89 16.60 -0.74
C VAL A 346 -21.97 15.58 -0.91
N THR A 347 -22.22 15.24 -2.17
CA THR A 347 -23.13 14.17 -2.51
C THR A 347 -22.31 12.95 -2.93
N GLY A 349 -22.36 11.37 -5.70
CA GLY A 349 -21.80 11.43 -7.06
C GLY A 349 -20.59 12.33 -7.12
N HIS A 350 -20.65 13.41 -6.32
CA HIS A 350 -19.51 14.28 -6.23
C HIS A 350 -18.32 13.53 -5.64
N GLN A 351 -18.59 12.82 -4.55
CA GLN A 351 -17.53 12.10 -3.87
C GLN A 351 -16.94 11.07 -4.82
N LEU A 352 -17.78 10.38 -5.58
CA LEU A 352 -17.22 9.42 -6.52
C LEU A 352 -16.30 10.05 -7.53
N LEU A 353 -16.71 11.24 -8.04
CA LEU A 353 -15.79 11.92 -8.97
C LEU A 353 -14.45 12.28 -8.33
N VAL A 354 -14.56 12.69 -7.07
CA VAL A 354 -13.32 13.07 -6.37
C VAL A 354 -12.46 11.80 -6.18
N GLN A 355 -13.14 10.68 -5.87
CA GLN A 355 -12.33 9.47 -5.75
C GLN A 355 -11.64 9.15 -7.07
N LEU A 356 -12.42 9.26 -8.16
CA LEU A 356 -11.83 8.93 -9.45
C LEU A 356 -10.68 9.85 -9.79
N GLU A 357 -10.90 11.13 -9.44
CA GLU A 357 -9.81 12.09 -9.67
C GLU A 357 -8.55 11.72 -8.88
N SER A 358 -8.77 11.34 -7.63
CA SER A 358 -7.61 10.98 -6.79
C SER A 358 -6.88 9.79 -7.38
N ILE A 359 -7.65 8.82 -7.86
CA ILE A 359 -7.08 7.63 -8.50
C ILE A 359 -6.27 8.01 -9.72
N ALA A 360 -6.88 8.80 -10.59
CA ALA A 360 -6.21 9.15 -11.83
C ALA A 360 -4.95 9.92 -11.53
N ILE A 361 -5.05 10.84 -10.57
CA ILE A 361 -3.82 11.61 -10.31
C ILE A 361 -2.73 10.72 -9.77
N THR A 362 -3.16 9.81 -8.89
CA THR A 362 -2.10 8.95 -8.31
C THR A 362 -1.46 8.09 -9.37
N ILE A 363 -2.29 7.52 -10.25
CA ILE A 363 -1.72 6.65 -11.27
C ILE A 363 -0.78 7.44 -12.16
N VAL A 364 -1.20 8.62 -12.61
CA VAL A 364 -0.27 9.28 -13.52
C VAL A 364 0.98 9.77 -12.82
N TRP A 365 0.78 10.33 -11.64
CA TRP A 365 1.93 10.88 -10.90
C TRP A 365 2.94 9.78 -10.63
N SER A 366 2.43 8.69 -10.03
CA SER A 366 3.35 7.60 -9.70
C SER A 366 4.02 6.98 -10.91
N GLY A 367 3.22 6.78 -11.93
CA GLY A 367 3.73 6.16 -13.16
C GLY A 367 4.77 7.05 -13.82
N VAL A 368 4.52 8.33 -13.93
CA VAL A 368 5.54 9.24 -14.44
C VAL A 368 6.79 9.27 -13.58
N VAL A 369 6.64 9.42 -12.28
CA VAL A 369 7.86 9.48 -11.43
C VAL A 369 8.59 8.15 -11.48
N ALA A 370 7.85 7.06 -11.42
CA ALA A 370 8.47 5.72 -11.52
C ALA A 370 9.28 5.58 -12.81
N PHE A 371 8.68 5.99 -13.94
CA PHE A 371 9.37 5.90 -15.21
C PHE A 371 10.66 6.67 -15.12
N ILE A 372 10.52 7.90 -14.57
CA ILE A 372 11.75 8.69 -14.44
C ILE A 372 12.76 8.01 -13.53
N GLY A 373 12.28 7.39 -12.45
CA GLY A 373 13.27 6.84 -11.54
C GLY A 373 13.89 5.64 -12.22
N TYR A 374 13.13 4.80 -12.89
CA TYR A 374 13.78 3.66 -13.55
C TYR A 374 14.77 4.10 -14.62
N LYS A 375 14.39 5.13 -15.36
CA LYS A 375 15.22 5.59 -16.49
C LYS A 375 16.50 6.18 -15.93
N LEU A 376 16.37 6.95 -14.84
CA LEU A 376 17.58 7.52 -14.28
C LEU A 376 18.50 6.40 -13.82
N ALA A 377 17.94 5.40 -13.13
CA ALA A 377 18.75 4.26 -12.71
C ALA A 377 19.40 3.60 -13.92
N ASP A 378 18.61 3.37 -14.95
CA ASP A 378 19.11 2.71 -16.13
C ASP A 378 20.28 3.50 -16.71
N LEU A 379 20.03 4.81 -16.80
CA LEU A 379 21.03 5.63 -17.49
C LEU A 379 22.31 5.72 -16.70
N THR A 380 22.23 5.55 -15.37
CA THR A 380 23.44 5.80 -14.59
C THR A 380 24.13 4.51 -14.22
N VAL A 381 23.37 3.50 -13.79
CA VAL A 381 24.02 2.27 -13.35
C VAL A 381 23.54 1.06 -14.15
N GLY A 382 22.44 1.20 -14.88
CA GLY A 382 21.88 0.03 -15.56
C GLY A 382 20.78 -0.63 -14.74
N LEU A 383 19.59 -0.83 -15.28
CA LEU A 383 18.50 -1.38 -14.47
C LEU A 383 18.60 -2.88 -14.25
N ARG A 384 18.84 -3.55 -15.37
CA ARG A 384 18.59 -4.97 -15.49
C ARG A 384 19.76 -5.78 -14.98
N VAL A 385 19.42 -6.77 -14.16
CA VAL A 385 20.36 -7.77 -13.71
C VAL A 385 21.12 -8.50 -14.81
#